data_2I5P
#
_entry.id   2I5P
#
_cell.length_a   70.900
_cell.length_b   70.900
_cell.length_c   358.400
_cell.angle_alpha   90.00
_cell.angle_beta   90.00
_cell.angle_gamma   90.00
#
_symmetry.space_group_name_H-M   'P 41 21 2'
#
loop_
_entity.id
_entity.type
_entity.pdbx_description
1 polymer 'Glyceraldehyde-3-phosphate dehydrogenase 1'
2 non-polymer alpha-D-glucopyranose
3 non-polymer BETA-MERCAPTOETHANOL
4 water water
#
_entity_poly.entity_id   1
_entity_poly.type   'polypeptide(L)'
_entity_poly.pdbx_seq_one_letter_code
;MRGSHHHHHHGIQMVSIAINGFGRIGRLVLRIALERKNIDVVAINDPFISVDYAAYMFKYDSTHGKYKGEVSHDGSNLII
NGKKVAVFQEKDPATLPWGKLGVDIAVDSTGVFKELDSAQKHIDAGAKKVVITAPSKTAPMFVVGVNEDKYNGEKIVSNA
SCTTNCLAPIAKIINDEFGIEEGLMTTVHSITATQKTVDGPSHKDWRGGRTASGNIIPSSTGAAKAVGKVLPELQGKLTG
MAFRVPTTDVSVVDLTVKLVKAATYDEIKAAVKKVSEGKLKDVVGYTEDAVVSSDFLGDTHSTIFDAAAGIQLSPKFVKL
VAWYDNEYGYSTRVVDLVEHVA
;
_entity_poly.pdbx_strand_id   O,P
#
loop_
_chem_comp.id
_chem_comp.type
_chem_comp.name
_chem_comp.formula
BME non-polymer BETA-MERCAPTOETHANOL 'C2 H6 O S'
GLC D-saccharide, alpha linking alpha-D-glucopyranose 'C6 H12 O6'
#
# COMPACT_ATOMS: atom_id res chain seq x y z
N MET A 14 -3.17 18.82 39.29
CA MET A 14 -3.10 20.20 38.81
C MET A 14 -3.97 20.48 37.57
N VAL A 15 -3.90 19.62 36.57
CA VAL A 15 -4.66 19.84 35.34
C VAL A 15 -5.99 19.10 35.25
N SER A 16 -7.08 19.85 35.22
CA SER A 16 -8.42 19.28 35.11
C SER A 16 -8.86 19.22 33.66
N ILE A 17 -9.31 18.06 33.20
CA ILE A 17 -9.76 17.94 31.82
C ILE A 17 -11.09 17.22 31.69
N ALA A 18 -11.81 17.57 30.62
CA ALA A 18 -13.08 16.95 30.30
C ALA A 18 -12.87 16.40 28.90
N ILE A 19 -13.47 15.24 28.63
CA ILE A 19 -13.34 14.59 27.34
C ILE A 19 -14.69 14.56 26.63
N ASN A 20 -14.78 15.17 25.46
CA ASN A 20 -16.03 15.17 24.70
C ASN A 20 -15.95 14.11 23.62
N GLY A 21 -16.90 13.18 23.65
CA GLY A 21 -16.92 12.08 22.70
C GLY A 21 -16.37 10.86 23.42
N PHE A 22 -17.09 9.76 23.39
CA PHE A 22 -16.62 8.55 24.06
C PHE A 22 -16.43 7.40 23.06
N GLY A 23 -15.86 7.72 21.91
CA GLY A 23 -15.60 6.72 20.88
C GLY A 23 -14.23 6.10 21.08
N ARG A 24 -13.70 5.48 20.02
CA ARG A 24 -12.40 4.84 20.07
C ARG A 24 -11.32 5.70 20.73
N ILE A 25 -11.14 6.91 20.23
CA ILE A 25 -10.13 7.84 20.75
C ILE A 25 -10.46 8.37 22.15
N GLY A 26 -11.69 8.84 22.34
CA GLY A 26 -12.09 9.37 23.63
C GLY A 26 -11.82 8.40 24.76
N ARG A 27 -12.14 7.13 24.55
CA ARG A 27 -11.93 6.12 25.57
C ARG A 27 -10.47 5.78 25.83
N LEU A 28 -9.64 5.82 24.78
CA LEU A 28 -8.23 5.53 24.94
C LEU A 28 -7.60 6.72 25.66
N VAL A 29 -8.09 7.91 25.34
CA VAL A 29 -7.59 9.13 25.97
C VAL A 29 -7.89 9.11 27.47
N LEU A 30 -9.06 8.60 27.84
CA LEU A 30 -9.43 8.50 29.24
C LEU A 30 -8.49 7.51 29.93
N ARG A 31 -8.31 6.33 29.34
CA ARG A 31 -7.45 5.31 29.91
C ARG A 31 -6.07 5.89 30.19
N ILE A 32 -5.52 6.57 29.20
CA ILE A 32 -4.20 7.16 29.35
C ILE A 32 -4.18 8.32 30.33
N ALA A 33 -5.15 9.22 30.22
CA ALA A 33 -5.20 10.38 31.11
C ALA A 33 -5.30 9.94 32.58
N LEU A 34 -6.15 8.96 32.85
CA LEU A 34 -6.30 8.48 34.22
C LEU A 34 -4.98 8.04 34.84
N GLU A 35 -4.00 7.71 33.99
CA GLU A 35 -2.70 7.28 34.48
C GLU A 35 -1.68 8.39 34.67
N ARG A 36 -1.99 9.61 34.21
CA ARG A 36 -1.07 10.72 34.37
C ARG A 36 -1.25 11.33 35.76
N LYS A 37 -0.19 11.32 36.55
CA LYS A 37 -0.21 11.82 37.92
C LYS A 37 -0.68 13.27 38.09
N ASN A 38 -0.44 14.13 37.10
CA ASN A 38 -0.84 15.52 37.20
C ASN A 38 -2.07 15.90 36.43
N ILE A 39 -2.89 14.91 36.11
CA ILE A 39 -4.13 15.15 35.39
C ILE A 39 -5.33 14.70 36.21
N ASP A 40 -6.36 15.53 36.24
CA ASP A 40 -7.56 15.17 36.98
C ASP A 40 -8.73 15.13 36.01
N VAL A 41 -9.15 13.94 35.65
CA VAL A 41 -10.28 13.78 34.74
C VAL A 41 -11.58 14.00 35.48
N VAL A 42 -12.20 15.16 35.28
CA VAL A 42 -13.45 15.46 35.99
C VAL A 42 -14.73 15.07 35.25
N ALA A 43 -14.65 14.88 33.94
CA ALA A 43 -15.86 14.52 33.20
C ALA A 43 -15.68 14.04 31.76
N ILE A 44 -16.77 13.48 31.23
CA ILE A 44 -16.84 13.00 29.86
C ILE A 44 -18.25 13.37 29.39
N ASN A 45 -18.40 13.56 28.10
CA ASN A 45 -19.69 13.90 27.54
C ASN A 45 -19.91 13.13 26.25
N ASP A 46 -21.12 12.61 26.08
CA ASP A 46 -21.47 11.88 24.89
C ASP A 46 -22.99 11.79 24.90
N PRO A 47 -23.64 12.52 23.99
CA PRO A 47 -25.10 12.53 23.91
C PRO A 47 -25.74 11.28 23.33
N PHE A 48 -24.94 10.39 22.76
CA PHE A 48 -25.51 9.18 22.17
C PHE A 48 -25.49 7.94 23.04
N ILE A 49 -24.95 8.03 24.25
CA ILE A 49 -24.93 6.87 25.12
C ILE A 49 -25.25 7.21 26.57
N SER A 50 -25.74 6.20 27.30
CA SER A 50 -26.09 6.39 28.70
C SER A 50 -24.89 6.09 29.58
N VAL A 51 -25.00 6.44 30.86
CA VAL A 51 -23.91 6.18 31.80
C VAL A 51 -23.70 4.67 31.90
N ASP A 52 -24.80 3.93 31.85
CA ASP A 52 -24.74 2.47 31.95
C ASP A 52 -23.95 1.88 30.78
N TYR A 53 -24.29 2.33 29.58
CA TYR A 53 -23.63 1.88 28.35
C TYR A 53 -22.17 2.33 28.35
N ALA A 54 -21.92 3.58 28.70
CA ALA A 54 -20.57 4.11 28.72
C ALA A 54 -19.68 3.25 29.62
N ALA A 55 -20.16 2.96 30.83
CA ALA A 55 -19.42 2.14 31.78
C ALA A 55 -19.16 0.74 31.23
N TYR A 56 -20.19 0.14 30.64
CA TYR A 56 -20.07 -1.21 30.08
C TYR A 56 -19.07 -1.23 28.93
N MET A 57 -19.10 -0.19 28.11
CA MET A 57 -18.22 -0.10 26.97
C MET A 57 -16.78 0.17 27.40
N PHE A 58 -16.59 1.01 28.41
CA PHE A 58 -15.25 1.32 28.89
C PHE A 58 -14.57 0.08 29.49
N LYS A 59 -15.30 -0.68 30.28
CA LYS A 59 -14.78 -1.90 30.91
C LYS A 59 -14.59 -3.00 29.88
N TYR A 60 -15.65 -3.27 29.11
CA TYR A 60 -15.61 -4.30 28.08
C TYR A 60 -15.55 -3.62 26.71
N ASP A 61 -14.37 -3.08 26.42
CA ASP A 61 -14.11 -2.37 25.18
C ASP A 61 -13.77 -3.31 24.03
N SER A 62 -14.63 -3.36 23.02
CA SER A 62 -14.40 -4.24 21.89
C SER A 62 -13.20 -3.79 21.07
N THR A 63 -12.78 -2.54 21.24
CA THR A 63 -11.62 -2.04 20.51
C THR A 63 -10.31 -2.09 21.32
N HIS A 64 -10.36 -1.66 22.58
CA HIS A 64 -9.14 -1.66 23.39
C HIS A 64 -9.00 -2.79 24.38
N GLY A 65 -9.96 -3.72 24.36
CA GLY A 65 -9.90 -4.86 25.27
C GLY A 65 -10.50 -4.61 26.64
N LYS A 66 -10.55 -5.66 27.46
CA LYS A 66 -11.10 -5.56 28.81
C LYS A 66 -10.21 -4.67 29.67
N TYR A 67 -10.80 -3.62 30.25
CA TYR A 67 -10.05 -2.72 31.11
C TYR A 67 -9.59 -3.47 32.36
N LYS A 68 -8.30 -3.35 32.66
CA LYS A 68 -7.72 -4.02 33.81
C LYS A 68 -8.34 -3.57 35.13
N GLY A 69 -8.44 -2.27 35.33
CA GLY A 69 -9.00 -1.75 36.55
C GLY A 69 -10.45 -2.09 36.82
N GLU A 70 -10.95 -1.62 37.95
CA GLU A 70 -12.33 -1.86 38.34
C GLU A 70 -13.21 -0.69 37.92
N VAL A 71 -14.33 -0.98 37.30
CA VAL A 71 -15.23 0.07 36.85
C VAL A 71 -16.71 -0.20 37.12
N SER A 72 -17.37 0.83 37.61
CA SER A 72 -18.79 0.77 37.92
C SER A 72 -19.32 2.18 37.72
N HIS A 73 -20.58 2.39 38.10
CA HIS A 73 -21.18 3.71 37.96
C HIS A 73 -22.33 3.84 38.94
N ASP A 74 -22.83 5.06 39.10
CA ASP A 74 -23.94 5.32 40.00
C ASP A 74 -25.06 6.00 39.23
N GLY A 75 -25.17 5.69 37.95
CA GLY A 75 -26.20 6.28 37.12
C GLY A 75 -25.95 7.75 36.82
N SER A 76 -24.92 8.31 37.44
CA SER A 76 -24.60 9.72 37.23
C SER A 76 -23.12 9.91 36.92
N ASN A 77 -22.27 9.21 37.66
CA ASN A 77 -20.84 9.29 37.48
C ASN A 77 -20.32 7.92 37.07
N LEU A 78 -19.11 7.91 36.54
CA LEU A 78 -18.47 6.68 36.15
C LEU A 78 -17.46 6.50 37.28
N ILE A 79 -17.31 5.29 37.76
CA ILE A 79 -16.38 5.05 38.87
C ILE A 79 -15.27 4.09 38.43
N ILE A 80 -14.08 4.65 38.23
CA ILE A 80 -12.92 3.87 37.78
C ILE A 80 -11.87 3.80 38.89
N ASN A 81 -11.53 2.59 39.30
CA ASN A 81 -10.57 2.38 40.38
C ASN A 81 -10.77 3.40 41.49
N GLY A 82 -12.02 3.56 41.91
CA GLY A 82 -12.32 4.50 42.98
C GLY A 82 -12.58 5.90 42.46
N LYS A 83 -11.69 6.40 41.61
CA LYS A 83 -11.81 7.75 41.04
C LYS A 83 -13.18 7.91 40.38
N LYS A 84 -13.87 8.99 40.72
CA LYS A 84 -15.20 9.24 40.15
C LYS A 84 -15.11 10.24 39.00
N VAL A 85 -15.85 9.97 37.93
CA VAL A 85 -15.86 10.83 36.75
C VAL A 85 -17.29 11.12 36.31
N ALA A 86 -17.66 12.39 36.30
CA ALA A 86 -19.01 12.81 35.90
C ALA A 86 -19.28 12.47 34.43
N VAL A 87 -20.52 12.10 34.15
CA VAL A 87 -20.91 11.74 32.79
C VAL A 87 -22.09 12.60 32.36
N PHE A 88 -22.01 13.15 31.15
CA PHE A 88 -23.08 13.98 30.62
C PHE A 88 -23.50 13.51 29.24
N GLN A 89 -24.60 14.07 28.75
CA GLN A 89 -25.11 13.70 27.44
C GLN A 89 -25.70 14.90 26.78
N GLU A 90 -24.86 15.90 26.49
CA GLU A 90 -25.29 17.14 25.84
C GLU A 90 -24.85 17.15 24.38
N LYS A 91 -25.78 17.49 23.49
CA LYS A 91 -25.46 17.54 22.06
C LYS A 91 -24.72 18.84 21.75
N ASP A 92 -24.95 19.85 22.57
CA ASP A 92 -24.30 21.14 22.41
C ASP A 92 -23.36 21.38 23.58
N PRO A 93 -22.05 21.23 23.33
CA PRO A 93 -20.99 21.41 24.33
C PRO A 93 -21.10 22.73 25.07
N ALA A 94 -21.84 23.67 24.48
CA ALA A 94 -22.02 25.00 25.07
C ALA A 94 -22.84 24.97 26.36
N THR A 95 -23.64 23.92 26.53
CA THR A 95 -24.47 23.80 27.73
C THR A 95 -23.81 23.01 28.84
N LEU A 96 -22.56 22.60 28.62
CA LEU A 96 -21.83 21.82 29.61
C LEU A 96 -21.37 22.65 30.80
N PRO A 97 -21.25 22.03 31.98
CA PRO A 97 -20.82 22.67 33.23
C PRO A 97 -19.31 22.77 33.40
N TRP A 98 -18.61 23.13 32.32
CA TRP A 98 -17.15 23.23 32.36
C TRP A 98 -16.63 24.24 33.39
N GLY A 99 -17.32 25.38 33.46
CA GLY A 99 -16.93 26.42 34.40
C GLY A 99 -17.13 25.98 35.83
N LYS A 100 -18.25 25.32 36.11
CA LYS A 100 -18.56 24.86 37.45
C LYS A 100 -17.54 23.82 37.91
N LEU A 101 -17.23 22.87 37.03
CA LEU A 101 -16.28 21.81 37.37
C LEU A 101 -14.84 22.30 37.35
N GLY A 102 -14.63 23.55 36.94
CA GLY A 102 -13.29 24.10 36.89
C GLY A 102 -12.38 23.43 35.86
N VAL A 103 -12.96 23.12 34.70
CA VAL A 103 -12.24 22.46 33.62
C VAL A 103 -11.13 23.32 33.00
N ASP A 104 -9.90 22.85 33.08
CA ASP A 104 -8.78 23.58 32.51
C ASP A 104 -8.72 23.32 31.00
N ILE A 105 -8.82 22.04 30.64
CA ILE A 105 -8.75 21.68 29.23
C ILE A 105 -9.82 20.70 28.80
N ALA A 106 -10.58 21.10 27.78
CA ALA A 106 -11.62 20.25 27.22
C ALA A 106 -10.98 19.54 26.02
N VAL A 107 -10.98 18.21 26.05
CA VAL A 107 -10.43 17.42 24.94
C VAL A 107 -11.63 17.01 24.10
N ASP A 108 -11.72 17.51 22.88
CA ASP A 108 -12.85 17.12 22.03
C ASP A 108 -12.45 16.08 21.01
N SER A 109 -12.93 14.86 21.21
CA SER A 109 -12.61 13.76 20.31
C SER A 109 -13.82 13.33 19.49
N THR A 110 -14.75 14.25 19.26
CA THR A 110 -15.94 13.92 18.50
C THR A 110 -15.75 14.13 17.00
N GLY A 111 -14.75 14.93 16.64
CA GLY A 111 -14.52 15.20 15.23
C GLY A 111 -15.67 16.03 14.65
N VAL A 112 -16.42 16.68 15.53
CA VAL A 112 -17.57 17.49 15.12
C VAL A 112 -17.38 18.96 15.51
N PHE A 113 -16.42 19.23 16.38
CA PHE A 113 -16.14 20.57 16.85
C PHE A 113 -14.65 20.79 16.64
N LYS A 114 -14.22 20.66 15.39
CA LYS A 114 -12.81 20.80 15.08
C LYS A 114 -12.35 22.14 14.51
N GLU A 115 -13.23 23.13 14.50
CA GLU A 115 -12.86 24.45 14.00
C GLU A 115 -12.93 25.45 15.15
N LEU A 116 -12.33 26.62 14.96
CA LEU A 116 -12.32 27.63 16.01
C LEU A 116 -13.71 28.06 16.48
N ASP A 117 -14.62 28.25 15.53
CA ASP A 117 -15.97 28.68 15.89
C ASP A 117 -16.76 27.58 16.60
N SER A 118 -16.54 26.34 16.21
CA SER A 118 -17.26 25.23 16.83
C SER A 118 -16.65 24.85 18.18
N ALA A 119 -15.33 24.69 18.21
CA ALA A 119 -14.64 24.33 19.44
C ALA A 119 -14.80 25.44 20.49
N GLN A 120 -15.09 26.66 20.03
CA GLN A 120 -15.27 27.80 20.91
C GLN A 120 -16.36 27.52 21.94
N LYS A 121 -17.29 26.64 21.58
CA LYS A 121 -18.38 26.28 22.48
C LYS A 121 -17.91 25.77 23.83
N HIS A 122 -16.84 24.98 23.84
CA HIS A 122 -16.33 24.45 25.10
C HIS A 122 -15.83 25.60 25.96
N ILE A 123 -15.20 26.58 25.32
CA ILE A 123 -14.68 27.74 26.05
C ILE A 123 -15.88 28.50 26.61
N ASP A 124 -16.91 28.66 25.79
CA ASP A 124 -18.12 29.36 26.21
C ASP A 124 -18.73 28.68 27.44
N ALA A 125 -18.52 27.37 27.55
CA ALA A 125 -19.05 26.58 28.65
C ALA A 125 -18.22 26.72 29.92
N GLY A 126 -17.06 27.36 29.83
CA GLY A 126 -16.23 27.53 31.01
C GLY A 126 -14.87 26.86 31.01
N ALA A 127 -14.57 26.08 29.98
CA ALA A 127 -13.28 25.42 29.92
C ALA A 127 -12.25 26.48 29.54
N LYS A 128 -11.07 26.41 30.15
CA LYS A 128 -10.03 27.38 29.87
C LYS A 128 -9.37 27.17 28.50
N LYS A 129 -9.25 25.92 28.08
CA LYS A 129 -8.63 25.60 26.79
C LYS A 129 -9.25 24.38 26.13
N VAL A 130 -9.00 24.24 24.83
CA VAL A 130 -9.51 23.12 24.07
C VAL A 130 -8.44 22.46 23.21
N VAL A 131 -8.45 21.14 23.20
CA VAL A 131 -7.52 20.35 22.41
C VAL A 131 -8.38 19.45 21.52
N ILE A 132 -8.30 19.68 20.21
CA ILE A 132 -9.06 18.93 19.23
C ILE A 132 -8.26 17.70 18.80
N THR A 133 -8.83 16.52 18.96
CA THR A 133 -8.11 15.31 18.58
C THR A 133 -8.35 14.99 17.12
N ALA A 134 -8.14 16.00 16.27
CA ALA A 134 -8.34 15.85 14.83
C ALA A 134 -7.76 17.07 14.12
N PRO A 135 -7.43 16.93 12.83
CA PRO A 135 -6.87 18.07 12.10
C PRO A 135 -7.94 19.16 11.94
N SER A 136 -7.50 20.41 11.94
CA SER A 136 -8.40 21.53 11.82
C SER A 136 -7.96 22.48 10.72
N LYS A 137 -8.91 23.07 10.01
CA LYS A 137 -8.58 24.02 8.97
C LYS A 137 -8.25 25.39 9.58
N THR A 138 -8.78 25.65 10.77
CA THR A 138 -8.56 26.94 11.42
C THR A 138 -7.77 26.92 12.73
N ALA A 139 -8.01 25.94 13.57
CA ALA A 139 -7.29 25.88 14.84
C ALA A 139 -5.84 25.53 14.57
N PRO A 140 -4.92 26.28 15.21
CA PRO A 140 -3.50 25.99 15.00
C PRO A 140 -3.16 24.56 15.42
N MET A 141 -2.35 23.88 14.61
CA MET A 141 -2.00 22.50 14.93
C MET A 141 -0.61 22.33 15.51
N PHE A 142 -0.48 21.33 16.37
CA PHE A 142 0.79 21.04 16.99
C PHE A 142 1.03 19.53 16.98
N VAL A 143 2.28 19.15 16.73
CA VAL A 143 2.68 17.75 16.71
C VAL A 143 3.87 17.61 17.64
N VAL A 144 3.68 16.87 18.71
CA VAL A 144 4.72 16.64 19.69
C VAL A 144 5.90 16.03 18.93
N GLY A 145 7.06 16.65 19.09
CA GLY A 145 8.25 16.17 18.40
C GLY A 145 8.54 16.97 17.14
N VAL A 146 7.64 17.88 16.79
CA VAL A 146 7.81 18.70 15.60
C VAL A 146 7.75 20.21 15.90
N ASN A 147 6.71 20.66 16.58
CA ASN A 147 6.56 22.09 16.87
C ASN A 147 5.79 22.44 18.14
N GLU A 148 5.64 21.52 19.08
CA GLU A 148 4.88 21.83 20.29
C GLU A 148 5.55 22.96 21.07
N ASP A 149 6.87 23.06 20.95
CA ASP A 149 7.61 24.11 21.65
C ASP A 149 7.16 25.49 21.12
N LYS A 150 6.56 25.51 19.94
CA LYS A 150 6.11 26.75 19.36
C LYS A 150 4.76 27.20 19.91
N TYR A 151 4.15 26.38 20.77
CA TYR A 151 2.86 26.73 21.38
C TYR A 151 3.05 28.05 22.09
N ASN A 152 2.12 28.98 21.88
CA ASN A 152 2.24 30.29 22.48
C ASN A 152 1.05 30.71 23.33
N GLY A 153 0.44 29.75 24.05
CA GLY A 153 -0.69 30.09 24.89
C GLY A 153 -2.02 30.15 24.17
N GLU A 154 -2.07 29.63 22.95
CA GLU A 154 -3.33 29.63 22.19
C GLU A 154 -4.38 28.85 23.00
N LYS A 155 -5.62 29.31 23.00
CA LYS A 155 -6.68 28.66 23.77
C LYS A 155 -7.35 27.46 23.07
N ILE A 156 -7.26 27.40 21.75
CA ILE A 156 -7.85 26.28 21.01
C ILE A 156 -6.82 25.71 20.02
N VAL A 157 -6.40 24.46 20.25
CA VAL A 157 -5.42 23.81 19.40
C VAL A 157 -5.86 22.44 18.89
N SER A 158 -5.17 21.98 17.84
CA SER A 158 -5.42 20.69 17.21
C SER A 158 -4.16 19.84 17.30
N ASN A 159 -4.34 18.52 17.42
CA ASN A 159 -3.21 17.61 17.48
C ASN A 159 -2.98 16.95 16.11
N ALA A 160 -3.57 17.54 15.08
CA ALA A 160 -3.47 17.01 13.71
C ALA A 160 -4.06 15.59 13.72
N SER A 161 -3.55 14.71 12.86
CA SER A 161 -4.03 13.33 12.75
C SER A 161 -2.95 12.30 13.05
N CYS A 162 -3.34 11.03 13.09
CA CYS A 162 -2.38 9.98 13.37
C CYS A 162 -1.38 9.84 12.21
N THR A 163 -1.85 9.99 10.97
CA THR A 163 -0.96 9.91 9.81
C THR A 163 0.06 11.04 9.86
N THR A 164 -0.41 12.27 10.09
CA THR A 164 0.49 13.43 10.17
C THR A 164 1.45 13.27 11.35
N ASN A 165 1.00 12.66 12.44
CA ASN A 165 1.88 12.48 13.59
C ASN A 165 2.95 11.43 13.29
N CYS A 166 2.69 10.58 12.31
CA CYS A 166 3.67 9.57 11.91
C CYS A 166 4.69 10.16 10.93
N LEU A 167 4.18 10.89 9.94
CA LEU A 167 5.04 11.50 8.93
C LEU A 167 5.88 12.70 9.38
N ALA A 168 5.24 13.66 10.04
CA ALA A 168 5.92 14.88 10.48
C ALA A 168 7.23 14.71 11.23
N PRO A 169 7.26 13.86 12.26
CA PRO A 169 8.52 13.68 13.00
C PRO A 169 9.64 13.21 12.07
N ILE A 170 9.29 12.34 11.12
CA ILE A 170 10.28 11.84 10.16
C ILE A 170 10.71 12.99 9.25
N ALA A 171 9.73 13.70 8.70
CA ALA A 171 9.99 14.82 7.82
C ALA A 171 10.93 15.83 8.51
N LYS A 172 10.72 16.09 9.79
CA LYS A 172 11.55 17.05 10.50
C LYS A 172 12.99 16.58 10.60
N ILE A 173 13.18 15.32 11.01
CA ILE A 173 14.51 14.76 11.14
C ILE A 173 15.29 14.85 9.84
N ILE A 174 14.67 14.39 8.76
CA ILE A 174 15.28 14.41 7.43
C ILE A 174 15.53 15.84 6.96
N ASN A 175 14.56 16.72 7.18
CA ASN A 175 14.71 18.10 6.75
C ASN A 175 15.82 18.79 7.54
N ASP A 176 15.93 18.49 8.83
CA ASP A 176 16.97 19.11 9.66
C ASP A 176 18.38 18.64 9.27
N GLU A 177 18.52 17.38 8.88
CA GLU A 177 19.83 16.82 8.53
C GLU A 177 20.27 16.96 7.07
N PHE A 178 19.37 16.68 6.13
CA PHE A 178 19.71 16.73 4.73
C PHE A 178 18.91 17.75 3.93
N GLY A 179 17.78 18.16 4.48
CA GLY A 179 16.93 19.12 3.79
C GLY A 179 16.04 18.43 2.78
N ILE A 180 14.74 18.73 2.83
CA ILE A 180 13.82 18.13 1.89
C ILE A 180 13.48 19.14 0.82
N GLU A 181 13.75 18.81 -0.44
CA GLU A 181 13.42 19.73 -1.51
C GLU A 181 11.91 19.63 -1.64
N GLU A 182 11.44 18.39 -1.78
CA GLU A 182 10.01 18.12 -1.88
C GLU A 182 9.80 16.63 -1.70
N GLY A 183 8.61 16.26 -1.27
CA GLY A 183 8.31 14.85 -1.05
C GLY A 183 6.88 14.46 -1.37
N LEU A 184 6.71 13.19 -1.72
CA LEU A 184 5.42 12.62 -2.05
C LEU A 184 5.20 11.42 -1.13
N MET A 185 4.09 11.42 -0.41
CA MET A 185 3.79 10.32 0.51
C MET A 185 2.61 9.48 0.10
N THR A 186 2.66 8.22 0.52
CA THR A 186 1.55 7.31 0.31
C THR A 186 1.40 6.61 1.65
N THR A 187 0.17 6.51 2.16
CA THR A 187 -0.03 5.78 3.40
C THR A 187 -0.95 4.61 3.10
N VAL A 188 -0.48 3.40 3.42
CA VAL A 188 -1.29 2.18 3.22
C VAL A 188 -1.83 2.04 4.63
N HIS A 189 -3.14 2.11 4.77
CA HIS A 189 -3.73 2.13 6.10
C HIS A 189 -5.05 1.38 6.24
N SER A 190 -5.47 1.24 7.49
CA SER A 190 -6.72 0.58 7.87
C SER A 190 -7.49 1.51 8.80
N ILE A 191 -7.27 2.82 8.64
CA ILE A 191 -7.92 3.82 9.47
C ILE A 191 -9.42 3.89 9.26
N THR A 192 -10.16 3.79 10.36
CA THR A 192 -11.62 3.79 10.42
C THR A 192 -12.36 4.70 9.41
N SER A 213 -13.71 -4.81 2.38
CA SER A 213 -13.04 -6.08 2.66
C SER A 213 -12.60 -6.74 1.36
N GLY A 214 -11.34 -7.20 1.33
CA GLY A 214 -10.78 -7.83 0.15
C GLY A 214 -10.35 -6.78 -0.86
N ASN A 215 -10.43 -5.51 -0.48
CA ASN A 215 -10.08 -4.41 -1.39
C ASN A 215 -8.96 -3.46 -1.00
N ILE A 216 -8.29 -2.95 -2.03
CA ILE A 216 -7.26 -1.93 -1.87
C ILE A 216 -8.08 -0.75 -2.38
N ILE A 217 -8.22 0.29 -1.58
CA ILE A 217 -9.02 1.44 -2.00
C ILE A 217 -8.27 2.76 -1.88
N PRO A 218 -8.09 3.45 -3.02
CA PRO A 218 -7.39 4.73 -3.04
C PRO A 218 -8.29 5.87 -2.60
N SER A 219 -7.68 6.96 -2.16
CA SER A 219 -8.42 8.14 -1.77
C SER A 219 -7.42 9.25 -1.50
N SER A 220 -7.92 10.47 -1.45
CA SER A 220 -7.07 11.61 -1.16
C SER A 220 -6.77 11.63 0.34
N THR A 221 -5.88 12.51 0.75
CA THR A 221 -5.54 12.68 2.16
C THR A 221 -4.81 13.99 2.30
N GLY A 222 -5.13 14.74 3.35
CA GLY A 222 -4.46 16.01 3.56
C GLY A 222 -3.38 15.86 4.61
N ALA A 223 -3.17 14.63 5.05
CA ALA A 223 -2.18 14.33 6.07
C ALA A 223 -0.75 14.75 5.73
N ALA A 224 -0.39 14.66 4.46
CA ALA A 224 0.96 15.01 4.04
C ALA A 224 1.11 16.53 3.96
N LYS A 225 0.13 17.15 3.34
CA LYS A 225 0.10 18.59 3.18
C LYS A 225 0.11 19.25 4.56
N ALA A 226 -0.58 18.61 5.52
CA ALA A 226 -0.67 19.13 6.88
C ALA A 226 0.67 19.31 7.55
N VAL A 227 1.69 18.60 7.07
CA VAL A 227 3.02 18.73 7.65
C VAL A 227 3.49 20.16 7.44
N GLY A 228 3.02 20.76 6.34
CA GLY A 228 3.39 22.13 6.02
C GLY A 228 2.91 23.13 7.06
N LYS A 229 1.91 22.71 7.84
CA LYS A 229 1.35 23.55 8.90
C LYS A 229 2.22 23.53 10.15
N VAL A 230 2.74 22.35 10.50
CA VAL A 230 3.59 22.20 11.68
C VAL A 230 5.07 22.43 11.35
N LEU A 231 5.38 22.47 10.07
CA LEU A 231 6.72 22.74 9.57
C LEU A 231 6.57 23.66 8.36
N PRO A 232 6.24 24.94 8.61
CA PRO A 232 6.04 25.98 7.59
C PRO A 232 7.11 25.97 6.51
N GLU A 233 8.36 25.70 6.92
CA GLU A 233 9.46 25.64 5.98
C GLU A 233 9.18 24.62 4.88
N LEU A 234 8.22 23.73 5.12
CA LEU A 234 7.87 22.72 4.15
C LEU A 234 6.52 22.94 3.49
N GLN A 235 5.95 24.12 3.68
CA GLN A 235 4.67 24.41 3.06
C GLN A 235 4.77 24.22 1.55
N GLY A 236 3.77 23.55 0.98
CA GLY A 236 3.74 23.31 -0.44
C GLY A 236 4.79 22.33 -0.95
N LYS A 237 5.60 21.80 -0.06
CA LYS A 237 6.66 20.89 -0.46
C LYS A 237 6.35 19.42 -0.19
N LEU A 238 5.14 19.15 0.29
CA LEU A 238 4.73 17.77 0.59
C LEU A 238 3.26 17.49 0.40
N THR A 239 2.95 16.35 -0.21
CA THR A 239 1.58 15.93 -0.36
C THR A 239 1.58 14.44 -0.64
N GLY A 240 0.40 13.87 -0.81
CA GLY A 240 0.34 12.46 -1.09
C GLY A 240 -1.08 11.94 -1.16
N MET A 241 -1.21 10.62 -1.17
CA MET A 241 -2.52 10.00 -1.22
C MET A 241 -2.53 8.78 -0.32
N ALA A 242 -3.65 8.06 -0.30
CA ALA A 242 -3.77 6.91 0.58
C ALA A 242 -4.41 5.69 -0.07
N PHE A 243 -4.08 4.52 0.47
CA PHE A 243 -4.64 3.25 0.01
C PHE A 243 -5.21 2.56 1.24
N ARG A 244 -6.51 2.32 1.26
CA ARG A 244 -7.10 1.64 2.40
C ARG A 244 -7.05 0.14 2.16
N VAL A 245 -6.65 -0.62 3.18
CA VAL A 245 -6.58 -2.06 3.07
C VAL A 245 -7.17 -2.70 4.31
N PRO A 246 -7.75 -3.90 4.19
CA PRO A 246 -8.39 -4.64 5.30
C PRO A 246 -7.39 -5.35 6.20
N THR A 247 -6.65 -4.59 7.00
CA THR A 247 -5.67 -5.18 7.90
C THR A 247 -5.92 -4.69 9.33
N THR A 248 -5.10 -5.18 10.27
CA THR A 248 -5.21 -4.79 11.66
C THR A 248 -4.97 -3.29 11.83
N ASP A 249 -5.17 -2.79 13.05
CA ASP A 249 -5.02 -1.37 13.32
C ASP A 249 -3.62 -0.76 13.35
N VAL A 250 -2.82 -1.08 12.33
CA VAL A 250 -1.48 -0.54 12.21
C VAL A 250 -1.34 -0.12 10.75
N SER A 251 -0.90 1.12 10.52
CA SER A 251 -0.73 1.62 9.18
C SER A 251 0.72 1.99 8.90
N VAL A 252 1.01 2.42 7.68
CA VAL A 252 2.39 2.76 7.34
C VAL A 252 2.49 3.93 6.35
N VAL A 253 3.51 4.76 6.51
CA VAL A 253 3.70 5.85 5.57
C VAL A 253 4.90 5.52 4.68
N ASP A 254 4.71 5.75 3.39
CA ASP A 254 5.69 5.50 2.34
C ASP A 254 6.08 6.88 1.83
N LEU A 255 7.24 7.37 2.26
CA LEU A 255 7.70 8.71 1.87
C LEU A 255 8.85 8.72 0.86
N THR A 256 8.54 9.16 -0.36
CA THR A 256 9.54 9.27 -1.41
C THR A 256 9.96 10.73 -1.40
N VAL A 257 11.21 10.99 -1.06
CA VAL A 257 11.67 12.36 -0.94
C VAL A 257 12.92 12.74 -1.72
N LYS A 258 12.95 14.00 -2.18
CA LYS A 258 14.09 14.55 -2.90
C LYS A 258 14.82 15.38 -1.87
N LEU A 259 16.09 15.07 -1.65
CA LEU A 259 16.92 15.76 -0.67
C LEU A 259 17.71 16.94 -1.23
N VAL A 260 18.01 17.88 -0.34
CA VAL A 260 18.78 19.05 -0.72
C VAL A 260 20.26 18.68 -0.74
N LYS A 261 20.71 17.96 0.29
CA LYS A 261 22.09 17.54 0.40
C LYS A 261 22.22 16.04 0.18
N ALA A 262 23.24 15.63 -0.56
CA ALA A 262 23.46 14.21 -0.83
C ALA A 262 23.64 13.44 0.47
N ALA A 263 23.25 12.17 0.46
CA ALA A 263 23.38 11.35 1.66
C ALA A 263 23.38 9.87 1.35
N THR A 264 23.90 9.09 2.28
CA THR A 264 23.93 7.63 2.12
C THR A 264 22.80 7.10 3.00
N TYR A 265 22.32 5.92 2.70
CA TYR A 265 21.23 5.36 3.49
C TYR A 265 21.64 5.15 4.94
N ASP A 266 22.94 4.97 5.17
CA ASP A 266 23.44 4.77 6.53
C ASP A 266 23.42 6.08 7.31
N GLU A 267 23.67 7.19 6.63
CA GLU A 267 23.64 8.48 7.29
C GLU A 267 22.20 8.83 7.65
N ILE A 268 21.27 8.41 6.80
CA ILE A 268 19.85 8.65 7.03
C ILE A 268 19.45 7.81 8.24
N LYS A 269 19.79 6.53 8.19
CA LYS A 269 19.48 5.62 9.28
C LYS A 269 20.08 6.16 10.58
N ALA A 270 21.34 6.57 10.51
CA ALA A 270 22.01 7.10 11.69
C ALA A 270 21.26 8.32 12.23
N ALA A 271 20.82 9.19 11.33
CA ALA A 271 20.11 10.40 11.74
C ALA A 271 18.79 10.11 12.48
N VAL A 272 18.02 9.15 11.99
CA VAL A 272 16.75 8.82 12.63
C VAL A 272 17.01 8.10 13.95
N LYS A 273 18.00 7.20 13.94
CA LYS A 273 18.34 6.42 15.12
C LYS A 273 18.76 7.30 16.30
N LYS A 274 19.53 8.34 16.02
CA LYS A 274 19.96 9.24 17.09
C LYS A 274 18.75 9.88 17.76
N VAL A 275 17.86 10.44 16.96
CA VAL A 275 16.67 11.09 17.49
C VAL A 275 15.80 10.10 18.28
N SER A 276 15.81 8.83 17.87
CA SER A 276 15.01 7.83 18.58
C SER A 276 15.66 7.39 19.89
N GLU A 277 16.90 7.80 20.11
CA GLU A 277 17.63 7.43 21.32
C GLU A 277 17.65 8.55 22.34
N GLY A 278 17.31 9.76 21.90
CA GLY A 278 17.33 10.89 22.80
C GLY A 278 16.02 11.27 23.45
N LYS A 279 15.82 12.57 23.59
CA LYS A 279 14.64 13.13 24.24
C LYS A 279 13.30 12.72 23.61
N LEU A 280 13.26 12.51 22.29
CA LEU A 280 12.03 12.11 21.61
C LEU A 280 11.86 10.60 21.57
N LYS A 281 12.61 9.96 22.45
CA LYS A 281 12.63 8.51 22.63
C LYS A 281 11.26 7.84 22.53
N ASP A 282 10.27 8.40 23.21
CA ASP A 282 8.94 7.81 23.21
C ASP A 282 8.06 8.24 22.05
N VAL A 283 8.56 9.13 21.20
CA VAL A 283 7.78 9.61 20.08
C VAL A 283 8.26 8.98 18.77
N VAL A 284 9.58 8.88 18.63
CA VAL A 284 10.19 8.33 17.44
C VAL A 284 10.79 6.96 17.73
N GLY A 285 10.27 5.95 17.05
CA GLY A 285 10.77 4.60 17.20
C GLY A 285 11.69 4.28 16.04
N TYR A 286 12.55 3.29 16.21
CA TYR A 286 13.48 2.91 15.16
C TYR A 286 13.75 1.42 15.20
N THR A 287 13.78 0.78 14.04
CA THR A 287 14.04 -0.65 13.95
C THR A 287 14.77 -0.99 12.65
N GLU A 288 15.46 -2.13 12.66
CA GLU A 288 16.18 -2.60 11.49
C GLU A 288 15.79 -4.03 11.18
N ASP A 289 14.77 -4.53 11.86
CA ASP A 289 14.31 -5.90 11.64
C ASP A 289 13.28 -5.98 10.51
N ALA A 290 12.97 -7.21 10.11
CA ALA A 290 11.98 -7.44 9.08
C ALA A 290 10.69 -7.50 9.89
N VAL A 291 9.71 -6.67 9.55
CA VAL A 291 8.50 -6.64 10.34
C VAL A 291 7.19 -6.78 9.60
N VAL A 292 6.13 -7.04 10.36
CA VAL A 292 4.78 -7.14 9.84
C VAL A 292 4.06 -6.05 10.63
N SER A 293 3.12 -5.36 10.00
CA SER A 293 2.39 -4.29 10.65
C SER A 293 1.91 -4.61 12.07
N SER A 294 1.32 -5.80 12.25
CA SER A 294 0.79 -6.19 13.55
C SER A 294 1.80 -6.18 14.68
N ASP A 295 3.09 -6.16 14.35
CA ASP A 295 4.10 -6.14 15.40
C ASP A 295 4.01 -4.84 16.20
N PHE A 296 3.33 -3.83 15.65
CA PHE A 296 3.21 -2.53 16.33
C PHE A 296 1.85 -2.21 16.97
N LEU A 297 0.96 -3.19 17.05
CA LEU A 297 -0.33 -2.96 17.67
C LEU A 297 -0.12 -2.50 19.11
N GLY A 298 -0.76 -1.39 19.47
CA GLY A 298 -0.61 -0.87 20.82
C GLY A 298 0.65 -0.07 21.04
N ASP A 299 1.54 -0.02 20.05
CA ASP A 299 2.78 0.74 20.17
C ASP A 299 2.41 2.20 20.38
N THR A 300 3.08 2.87 21.31
CA THR A 300 2.75 4.27 21.60
C THR A 300 3.65 5.33 20.97
N HIS A 301 4.59 4.93 20.13
CA HIS A 301 5.40 5.94 19.47
C HIS A 301 4.49 6.54 18.41
N SER A 302 4.81 7.75 17.96
CA SER A 302 3.99 8.39 16.92
C SER A 302 4.38 7.75 15.58
N THR A 303 5.63 7.33 15.50
CA THR A 303 6.13 6.75 14.27
C THR A 303 7.29 5.78 14.55
N ILE A 304 7.33 4.69 13.79
CA ILE A 304 8.42 3.73 13.93
C ILE A 304 9.14 3.60 12.57
N PHE A 305 10.31 4.24 12.48
CA PHE A 305 11.10 4.21 11.25
C PHE A 305 11.54 2.76 10.98
N ASP A 306 11.36 2.31 9.73
CA ASP A 306 11.71 0.96 9.33
C ASP A 306 12.91 1.03 8.36
N ALA A 307 14.11 0.81 8.89
CA ALA A 307 15.32 0.88 8.07
C ALA A 307 15.35 -0.12 6.91
N ALA A 308 15.03 -1.37 7.20
CA ALA A 308 15.03 -2.43 6.20
C ALA A 308 14.02 -2.27 5.07
N ALA A 309 12.87 -1.67 5.35
CA ALA A 309 11.82 -1.49 4.34
C ALA A 309 12.11 -0.40 3.31
N GLY A 310 12.79 0.65 3.73
CA GLY A 310 13.08 1.74 2.81
C GLY A 310 14.12 1.35 1.78
N ILE A 311 14.28 2.19 0.75
CA ILE A 311 15.27 1.92 -0.28
C ILE A 311 15.68 3.23 -0.95
N GLN A 312 16.97 3.36 -1.25
CA GLN A 312 17.50 4.56 -1.88
C GLN A 312 17.99 4.27 -3.31
N LEU A 313 17.58 5.12 -4.25
CA LEU A 313 17.96 4.97 -5.66
C LEU A 313 19.21 5.74 -6.00
N SER A 314 19.29 6.97 -5.50
CA SER A 314 20.45 7.85 -5.74
C SER A 314 20.68 8.71 -4.49
N PRO A 315 21.81 9.42 -4.44
CA PRO A 315 22.16 10.27 -3.30
C PRO A 315 21.11 11.27 -2.77
N LYS A 316 20.24 11.76 -3.64
CA LYS A 316 19.23 12.72 -3.22
C LYS A 316 17.78 12.28 -3.49
N PHE A 317 17.58 10.99 -3.67
CA PHE A 317 16.24 10.47 -3.97
C PHE A 317 16.09 9.15 -3.24
N VAL A 318 15.33 9.16 -2.15
CA VAL A 318 15.14 7.99 -1.32
C VAL A 318 13.69 7.75 -0.88
N LYS A 319 13.36 6.50 -0.61
CA LYS A 319 12.03 6.12 -0.15
C LYS A 319 12.15 5.63 1.28
N LEU A 320 11.46 6.31 2.20
CA LEU A 320 11.50 5.98 3.61
C LEU A 320 10.16 5.42 4.08
N VAL A 321 10.23 4.42 4.96
CA VAL A 321 9.05 3.76 5.47
C VAL A 321 8.96 3.89 6.99
N ALA A 322 7.74 4.15 7.49
CA ALA A 322 7.52 4.30 8.92
C ALA A 322 6.12 3.82 9.29
N TRP A 323 6.07 3.07 10.39
CA TRP A 323 4.84 2.49 10.90
C TRP A 323 4.18 3.33 11.99
N TYR A 324 2.88 3.13 12.16
CA TYR A 324 2.14 3.81 13.23
C TYR A 324 0.83 3.09 13.56
N ASP A 325 0.61 2.86 14.85
CA ASP A 325 -0.64 2.24 15.29
C ASP A 325 -1.66 3.32 14.96
N ASN A 326 -2.84 2.94 14.52
CA ASN A 326 -3.86 3.92 14.16
C ASN A 326 -4.32 4.80 15.31
N GLU A 327 -4.13 4.35 16.54
CA GLU A 327 -4.60 5.16 17.67
C GLU A 327 -3.73 5.31 18.90
N TYR A 328 -2.92 4.31 19.21
CA TYR A 328 -2.11 4.38 20.41
C TYR A 328 -1.08 5.49 20.50
N GLY A 329 -0.25 5.66 19.45
CA GLY A 329 0.72 6.73 19.50
C GLY A 329 0.01 8.07 19.52
N TYR A 330 -1.00 8.21 18.68
CA TYR A 330 -1.77 9.43 18.57
C TYR A 330 -2.47 9.84 19.86
N SER A 331 -3.14 8.89 20.50
CA SER A 331 -3.84 9.19 21.73
C SER A 331 -2.89 9.56 22.86
N THR A 332 -1.71 8.97 22.86
CA THR A 332 -0.72 9.28 23.88
C THR A 332 -0.24 10.71 23.68
N ARG A 333 -0.11 11.14 22.42
CA ARG A 333 0.34 12.51 22.13
C ARG A 333 -0.71 13.51 22.54
N VAL A 334 -1.97 13.15 22.34
CA VAL A 334 -3.06 14.03 22.72
C VAL A 334 -2.89 14.40 24.19
N VAL A 335 -2.62 13.41 25.01
CA VAL A 335 -2.44 13.64 26.45
C VAL A 335 -1.14 14.39 26.69
N ASP A 336 -0.09 14.07 25.91
CA ASP A 336 1.18 14.75 26.07
C ASP A 336 0.94 16.24 25.78
N LEU A 337 0.16 16.51 24.74
CA LEU A 337 -0.13 17.88 24.34
C LEU A 337 -1.02 18.58 25.39
N VAL A 338 -1.91 17.83 26.00
CA VAL A 338 -2.79 18.38 27.02
C VAL A 338 -1.93 18.90 28.16
N GLU A 339 -1.00 18.09 28.63
CA GLU A 339 -0.14 18.52 29.74
C GLU A 339 0.78 19.66 29.33
N HIS A 340 1.16 19.71 28.06
CA HIS A 340 2.04 20.74 27.58
C HIS A 340 1.39 22.12 27.47
N VAL A 341 0.14 22.16 27.01
CA VAL A 341 -0.53 23.45 26.88
C VAL A 341 -1.16 23.94 28.18
N ALA A 342 -1.23 23.06 29.18
CA ALA A 342 -1.79 23.43 30.47
C ALA A 342 -1.04 24.63 31.02
N MET B 14 -1.87 -22.60 -36.20
CA MET B 14 -0.65 -22.60 -37.07
C MET B 14 0.62 -22.69 -36.22
N VAL B 15 0.48 -22.56 -34.91
CA VAL B 15 1.61 -22.64 -34.00
C VAL B 15 1.39 -23.67 -32.90
N SER B 16 2.23 -24.70 -32.87
CA SER B 16 2.12 -25.76 -31.87
C SER B 16 2.85 -25.41 -30.60
N ILE B 17 2.17 -25.55 -29.46
CA ILE B 17 2.78 -25.23 -28.18
C ILE B 17 2.53 -26.30 -27.12
N ALA B 18 3.41 -26.34 -26.13
CA ALA B 18 3.30 -27.29 -25.03
C ALA B 18 3.53 -26.45 -23.76
N ILE B 19 2.69 -26.67 -22.75
CA ILE B 19 2.78 -25.93 -21.49
C ILE B 19 3.35 -26.80 -20.38
N ASN B 20 4.43 -26.33 -19.76
CA ASN B 20 5.07 -27.05 -18.66
C ASN B 20 4.66 -26.40 -17.33
N GLY B 21 4.08 -27.20 -16.44
CA GLY B 21 3.62 -26.69 -15.16
C GLY B 21 2.12 -26.46 -15.25
N PHE B 22 1.35 -27.09 -14.37
CA PHE B 22 -0.10 -26.92 -14.42
C PHE B 22 -0.61 -26.17 -13.18
N GLY B 23 0.12 -25.09 -12.83
CA GLY B 23 -0.26 -24.27 -11.69
C GLY B 23 -1.20 -23.17 -12.11
N ARG B 24 -1.31 -22.12 -11.29
CA ARG B 24 -2.22 -21.01 -11.61
C ARG B 24 -1.96 -20.45 -13.00
N ILE B 25 -0.69 -20.25 -13.34
CA ILE B 25 -0.33 -19.70 -14.65
C ILE B 25 -0.59 -20.68 -15.78
N GLY B 26 0.04 -21.86 -15.69
CA GLY B 26 -0.12 -22.88 -16.72
C GLY B 26 -1.56 -23.10 -17.14
N ARG B 27 -2.43 -23.29 -16.16
CA ARG B 27 -3.84 -23.53 -16.41
C ARG B 27 -4.52 -22.36 -17.10
N LEU B 28 -4.20 -21.13 -16.68
CA LEU B 28 -4.79 -19.96 -17.30
C LEU B 28 -4.27 -19.79 -18.72
N VAL B 29 -2.98 -20.07 -18.90
CA VAL B 29 -2.38 -19.97 -20.23
C VAL B 29 -3.09 -20.96 -21.14
N LEU B 30 -3.31 -22.17 -20.63
CA LEU B 30 -4.00 -23.19 -21.41
C LEU B 30 -5.37 -22.69 -21.82
N ARG B 31 -6.10 -22.11 -20.87
CA ARG B 31 -7.43 -21.60 -21.16
C ARG B 31 -7.40 -20.57 -22.27
N ILE B 32 -6.51 -19.60 -22.14
CA ILE B 32 -6.40 -18.53 -23.12
C ILE B 32 -5.97 -19.06 -24.47
N ALA B 33 -4.91 -19.86 -24.48
CA ALA B 33 -4.38 -20.45 -25.70
C ALA B 33 -5.45 -21.24 -26.46
N LEU B 34 -6.21 -22.07 -25.76
CA LEU B 34 -7.24 -22.86 -26.42
C LEU B 34 -8.23 -21.99 -27.19
N GLU B 35 -8.21 -20.68 -26.95
CA GLU B 35 -9.10 -19.79 -27.67
C GLU B 35 -8.44 -19.10 -28.85
N ARG B 36 -7.12 -19.25 -28.99
CA ARG B 36 -6.39 -18.62 -30.09
C ARG B 36 -6.48 -19.48 -31.35
N LYS B 37 -7.21 -18.98 -32.35
CA LYS B 37 -7.42 -19.67 -33.61
C LYS B 37 -6.14 -20.22 -34.27
N ASN B 38 -5.04 -19.49 -34.12
CA ASN B 38 -3.79 -19.92 -34.73
C ASN B 38 -2.81 -20.65 -33.83
N ILE B 39 -3.33 -21.20 -32.74
CA ILE B 39 -2.50 -21.96 -31.81
C ILE B 39 -3.07 -23.35 -31.64
N ASP B 40 -2.18 -24.31 -31.43
CA ASP B 40 -2.61 -25.69 -31.22
C ASP B 40 -1.84 -26.25 -30.04
N VAL B 41 -2.50 -26.33 -28.90
CA VAL B 41 -1.87 -26.87 -27.70
C VAL B 41 -1.75 -28.37 -27.90
N VAL B 42 -0.53 -28.88 -27.88
CA VAL B 42 -0.33 -30.31 -28.08
C VAL B 42 -0.05 -31.06 -26.77
N ALA B 43 0.39 -30.33 -25.76
CA ALA B 43 0.69 -30.99 -24.49
C ALA B 43 0.88 -30.06 -23.28
N ILE B 44 0.85 -30.68 -22.10
CA ILE B 44 1.07 -30.01 -20.85
C ILE B 44 1.88 -30.99 -20.03
N ASN B 45 2.64 -30.52 -19.06
CA ASN B 45 3.45 -31.41 -18.25
C ASN B 45 3.51 -30.96 -16.81
N ASP B 46 3.50 -31.93 -15.90
CA ASP B 46 3.58 -31.66 -14.47
C ASP B 46 3.84 -33.01 -13.82
N PRO B 47 4.92 -33.13 -13.05
CA PRO B 47 5.26 -34.39 -12.39
C PRO B 47 4.58 -34.65 -11.04
N PHE B 48 3.89 -33.64 -10.51
CA PHE B 48 3.25 -33.78 -9.21
C PHE B 48 1.78 -34.16 -9.21
N ILE B 49 1.18 -34.24 -10.38
CA ILE B 49 -0.23 -34.60 -10.46
C ILE B 49 -0.48 -35.64 -11.54
N SER B 50 -1.64 -36.30 -11.45
CA SER B 50 -2.01 -37.32 -12.42
C SER B 50 -2.92 -36.70 -13.44
N VAL B 51 -3.15 -37.42 -14.53
CA VAL B 51 -4.02 -36.95 -15.60
C VAL B 51 -5.43 -36.74 -15.05
N ASP B 52 -5.83 -37.61 -14.13
CA ASP B 52 -7.16 -37.52 -13.54
C ASP B 52 -7.28 -36.26 -12.68
N TYR B 53 -6.23 -35.98 -11.91
CA TYR B 53 -6.21 -34.80 -11.06
C TYR B 53 -6.13 -33.54 -11.93
N ALA B 54 -5.31 -33.61 -12.98
CA ALA B 54 -5.16 -32.47 -13.88
C ALA B 54 -6.49 -32.12 -14.53
N ALA B 55 -7.23 -33.14 -14.93
CA ALA B 55 -8.53 -32.92 -15.56
C ALA B 55 -9.52 -32.31 -14.57
N TYR B 56 -9.49 -32.80 -13.34
CA TYR B 56 -10.37 -32.32 -12.27
C TYR B 56 -10.12 -30.85 -11.93
N MET B 57 -8.84 -30.52 -11.77
CA MET B 57 -8.43 -29.14 -11.45
C MET B 57 -8.78 -28.16 -12.55
N PHE B 58 -8.46 -28.52 -13.78
CA PHE B 58 -8.73 -27.65 -14.91
C PHE B 58 -10.22 -27.31 -14.98
N LYS B 59 -11.06 -28.34 -14.80
CA LYS B 59 -12.50 -28.18 -14.85
C LYS B 59 -13.05 -27.39 -13.65
N TYR B 60 -12.74 -27.87 -12.46
CA TYR B 60 -13.19 -27.22 -11.23
C TYR B 60 -11.97 -26.57 -10.60
N ASP B 61 -11.60 -25.42 -11.16
CA ASP B 61 -10.43 -24.66 -10.75
C ASP B 61 -10.73 -23.76 -9.55
N SER B 62 -10.18 -24.11 -8.40
CA SER B 62 -10.40 -23.32 -7.20
C SER B 62 -9.92 -21.88 -7.41
N THR B 63 -8.97 -21.68 -8.32
CA THR B 63 -8.45 -20.35 -8.59
C THR B 63 -9.19 -19.62 -9.71
N HIS B 64 -9.26 -20.23 -10.89
CA HIS B 64 -9.91 -19.59 -12.04
C HIS B 64 -11.39 -19.91 -12.22
N GLY B 65 -11.96 -20.65 -11.28
CA GLY B 65 -13.37 -20.99 -11.37
C GLY B 65 -13.65 -22.23 -12.19
N LYS B 66 -14.94 -22.52 -12.40
CA LYS B 66 -15.33 -23.69 -13.17
C LYS B 66 -15.21 -23.40 -14.65
N TYR B 67 -14.49 -24.27 -15.36
CA TYR B 67 -14.31 -24.10 -16.79
C TYR B 67 -15.66 -24.28 -17.49
N LYS B 68 -16.07 -23.27 -18.25
CA LYS B 68 -17.34 -23.32 -18.96
C LYS B 68 -17.40 -24.46 -19.98
N GLY B 69 -16.28 -24.74 -20.63
CA GLY B 69 -16.24 -25.80 -21.61
C GLY B 69 -16.46 -27.19 -21.03
N GLU B 70 -16.33 -28.20 -21.89
CA GLU B 70 -16.50 -29.59 -21.48
C GLU B 70 -15.14 -30.24 -21.36
N VAL B 71 -14.88 -30.90 -20.23
CA VAL B 71 -13.59 -31.54 -20.06
C VAL B 71 -13.69 -32.96 -19.54
N SER B 72 -12.77 -33.80 -20.01
CA SER B 72 -12.70 -35.19 -19.62
C SER B 72 -11.31 -35.63 -19.99
N HIS B 73 -11.07 -36.94 -19.95
CA HIS B 73 -9.75 -37.45 -20.30
C HIS B 73 -9.82 -38.95 -20.56
N ASP B 74 -8.66 -39.54 -20.81
CA ASP B 74 -8.58 -40.97 -21.07
C ASP B 74 -7.32 -41.52 -20.41
N GLY B 75 -6.98 -40.95 -19.26
CA GLY B 75 -5.81 -41.39 -18.53
C GLY B 75 -4.52 -41.16 -19.29
N SER B 76 -4.62 -40.53 -20.45
CA SER B 76 -3.44 -40.28 -21.24
C SER B 76 -3.48 -38.88 -21.87
N ASN B 77 -4.69 -38.43 -22.22
CA ASN B 77 -4.88 -37.13 -22.83
C ASN B 77 -6.02 -36.38 -22.17
N LEU B 78 -5.92 -35.05 -22.19
CA LEU B 78 -6.96 -34.21 -21.64
C LEU B 78 -7.88 -33.95 -22.81
N ILE B 79 -9.18 -33.96 -22.58
CA ILE B 79 -10.13 -33.72 -23.66
C ILE B 79 -10.92 -32.47 -23.36
N ILE B 80 -10.58 -31.38 -24.02
CA ILE B 80 -11.24 -30.12 -23.82
C ILE B 80 -12.03 -29.72 -25.06
N ASN B 81 -13.36 -29.74 -24.93
CA ASN B 81 -14.25 -29.39 -26.03
C ASN B 81 -13.95 -30.23 -27.26
N GLY B 82 -13.60 -31.49 -27.02
CA GLY B 82 -13.28 -32.39 -28.11
C GLY B 82 -11.82 -32.37 -28.53
N LYS B 83 -11.09 -31.36 -28.08
CA LYS B 83 -9.67 -31.23 -28.42
C LYS B 83 -8.81 -32.03 -27.45
N LYS B 84 -8.05 -32.98 -27.99
CA LYS B 84 -7.18 -33.82 -27.18
C LYS B 84 -5.85 -33.15 -26.91
N VAL B 85 -5.43 -33.17 -25.63
CA VAL B 85 -4.16 -32.58 -25.24
C VAL B 85 -3.34 -33.58 -24.45
N ALA B 86 -2.19 -33.94 -24.99
CA ALA B 86 -1.31 -34.90 -24.33
C ALA B 86 -0.92 -34.41 -22.94
N VAL B 87 -0.74 -35.35 -22.02
CA VAL B 87 -0.37 -35.03 -20.65
C VAL B 87 0.81 -35.89 -20.23
N PHE B 88 1.82 -35.28 -19.61
CA PHE B 88 2.99 -36.03 -19.16
C PHE B 88 3.30 -35.69 -17.71
N GLN B 89 4.15 -36.50 -17.10
CA GLN B 89 4.53 -36.30 -15.70
C GLN B 89 6.04 -36.37 -15.52
N GLU B 90 6.77 -35.85 -16.51
CA GLU B 90 8.23 -35.87 -16.45
C GLU B 90 8.81 -34.80 -15.54
N LYS B 91 9.75 -35.23 -14.69
CA LYS B 91 10.40 -34.33 -13.75
C LYS B 91 11.53 -33.58 -14.44
N ASP B 92 11.96 -34.08 -15.59
CA ASP B 92 13.02 -33.46 -16.37
C ASP B 92 12.52 -33.18 -17.79
N PRO B 93 12.29 -31.90 -18.11
CA PRO B 93 11.81 -31.45 -19.41
C PRO B 93 12.54 -32.07 -20.59
N ALA B 94 13.79 -32.46 -20.35
CA ALA B 94 14.63 -33.05 -21.38
C ALA B 94 14.10 -34.36 -21.97
N THR B 95 13.31 -35.10 -21.19
CA THR B 95 12.78 -36.37 -21.66
C THR B 95 11.43 -36.26 -22.36
N LEU B 96 10.93 -35.04 -22.49
CA LEU B 96 9.65 -34.80 -23.14
C LEU B 96 9.72 -34.97 -24.65
N PRO B 97 8.67 -35.55 -25.25
CA PRO B 97 8.60 -35.78 -26.70
C PRO B 97 8.24 -34.53 -27.50
N TRP B 98 8.93 -33.42 -27.21
CA TRP B 98 8.66 -32.16 -27.91
C TRP B 98 9.03 -32.28 -29.38
N GLY B 99 10.10 -33.01 -29.65
CA GLY B 99 10.52 -33.19 -31.03
C GLY B 99 9.50 -34.03 -31.77
N LYS B 100 9.18 -35.19 -31.20
CA LYS B 100 8.20 -36.10 -31.80
C LYS B 100 6.82 -35.45 -31.96
N LEU B 101 6.51 -34.49 -31.09
CA LEU B 101 5.22 -33.81 -31.13
C LEU B 101 5.22 -32.59 -32.04
N GLY B 102 6.40 -32.17 -32.48
CA GLY B 102 6.51 -31.02 -33.35
C GLY B 102 6.13 -29.75 -32.63
N VAL B 103 6.72 -29.59 -31.44
CA VAL B 103 6.45 -28.43 -30.60
C VAL B 103 7.27 -27.21 -31.02
N ASP B 104 6.58 -26.19 -31.51
CA ASP B 104 7.25 -24.97 -31.93
C ASP B 104 7.67 -24.16 -30.71
N ILE B 105 6.76 -24.00 -29.75
CA ILE B 105 7.05 -23.23 -28.57
C ILE B 105 6.63 -23.91 -27.27
N ALA B 106 7.59 -24.05 -26.36
CA ALA B 106 7.35 -24.65 -25.07
C ALA B 106 7.20 -23.49 -24.07
N VAL B 107 6.05 -23.42 -23.42
CA VAL B 107 5.77 -22.38 -22.44
C VAL B 107 6.02 -22.97 -21.06
N ASP B 108 7.07 -22.52 -20.38
CA ASP B 108 7.37 -23.06 -19.06
C ASP B 108 6.93 -22.15 -17.93
N SER B 109 5.89 -22.57 -17.22
CA SER B 109 5.33 -21.81 -16.11
C SER B 109 5.58 -22.49 -14.77
N THR B 110 6.71 -23.18 -14.65
CA THR B 110 7.05 -23.89 -13.42
C THR B 110 7.87 -23.02 -12.47
N GLY B 111 8.53 -22.01 -13.04
CA GLY B 111 9.34 -21.14 -12.22
C GLY B 111 10.64 -21.80 -11.77
N VAL B 112 10.97 -22.93 -12.39
CA VAL B 112 12.21 -23.64 -12.02
C VAL B 112 13.18 -23.80 -13.20
N PHE B 113 12.72 -23.50 -14.41
CA PHE B 113 13.54 -23.59 -15.62
C PHE B 113 13.45 -22.23 -16.30
N LYS B 114 13.79 -21.19 -15.54
CA LYS B 114 13.72 -19.82 -16.00
C LYS B 114 15.01 -19.23 -16.56
N GLU B 115 16.12 -19.94 -16.45
CA GLU B 115 17.39 -19.44 -16.97
C GLU B 115 17.70 -20.10 -18.31
N LEU B 116 18.68 -19.55 -19.03
CA LEU B 116 19.07 -20.10 -20.32
C LEU B 116 19.52 -21.55 -20.25
N ASP B 117 20.46 -21.83 -19.35
CA ASP B 117 20.98 -23.18 -19.20
C ASP B 117 19.87 -24.20 -18.89
N SER B 118 19.06 -23.90 -17.89
CA SER B 118 17.98 -24.79 -17.49
C SER B 118 16.86 -24.89 -18.52
N ALA B 119 16.36 -23.75 -19.00
CA ALA B 119 15.29 -23.76 -19.99
C ALA B 119 15.73 -24.39 -21.31
N GLN B 120 17.03 -24.64 -21.43
CA GLN B 120 17.59 -25.24 -22.64
C GLN B 120 17.05 -26.64 -22.90
N LYS B 121 16.69 -27.33 -21.81
CA LYS B 121 16.17 -28.68 -21.89
C LYS B 121 15.01 -28.80 -22.87
N HIS B 122 14.08 -27.85 -22.83
CA HIS B 122 12.93 -27.89 -23.73
C HIS B 122 13.43 -27.85 -25.17
N ILE B 123 14.59 -27.23 -25.38
CA ILE B 123 15.17 -27.15 -26.72
C ILE B 123 15.73 -28.52 -27.08
N ASP B 124 16.46 -29.13 -26.15
CA ASP B 124 17.04 -30.44 -26.37
C ASP B 124 15.93 -31.45 -26.70
N ALA B 125 14.81 -31.35 -25.99
CA ALA B 125 13.69 -32.26 -26.19
C ALA B 125 13.05 -32.13 -27.57
N GLY B 126 13.44 -31.10 -28.32
CA GLY B 126 12.88 -30.93 -29.65
C GLY B 126 11.97 -29.74 -29.86
N ALA B 127 11.85 -28.87 -28.87
CA ALA B 127 11.01 -27.69 -28.99
C ALA B 127 11.82 -26.60 -29.70
N LYS B 128 11.21 -26.01 -30.73
CA LYS B 128 11.87 -24.96 -31.49
C LYS B 128 12.28 -23.79 -30.60
N LYS B 129 11.32 -23.22 -29.86
CA LYS B 129 11.61 -22.09 -28.97
C LYS B 129 10.97 -22.24 -27.60
N VAL B 130 11.39 -21.41 -26.66
CA VAL B 130 10.88 -21.46 -25.30
C VAL B 130 10.50 -20.08 -24.75
N VAL B 131 9.36 -20.01 -24.07
CA VAL B 131 8.90 -18.76 -23.46
C VAL B 131 8.74 -19.04 -21.97
N ILE B 132 9.49 -18.30 -21.15
CA ILE B 132 9.44 -18.47 -19.70
C ILE B 132 8.46 -17.47 -19.09
N THR B 133 7.44 -17.98 -18.41
CA THR B 133 6.42 -17.13 -17.78
C THR B 133 6.88 -16.59 -16.43
N ALA B 134 8.11 -16.07 -16.40
CA ALA B 134 8.66 -15.52 -15.18
C ALA B 134 9.92 -14.74 -15.52
N PRO B 135 10.33 -13.81 -14.65
CA PRO B 135 11.53 -13.03 -14.93
C PRO B 135 12.79 -13.90 -14.94
N SER B 136 13.71 -13.59 -15.84
CA SER B 136 14.96 -14.35 -15.98
C SER B 136 16.20 -13.48 -15.83
N LYS B 137 17.25 -14.05 -15.23
CA LYS B 137 18.51 -13.35 -15.07
C LYS B 137 19.30 -13.38 -16.37
N THR B 138 19.15 -14.46 -17.14
CA THR B 138 19.90 -14.62 -18.37
C THR B 138 19.11 -14.52 -19.67
N ALA B 139 17.93 -15.12 -19.73
CA ALA B 139 17.14 -15.06 -20.95
C ALA B 139 16.64 -13.64 -21.20
N PRO B 140 16.57 -13.23 -22.49
CA PRO B 140 16.09 -11.89 -22.82
C PRO B 140 14.62 -11.70 -22.47
N MET B 141 14.33 -10.65 -21.69
CA MET B 141 12.96 -10.39 -21.29
C MET B 141 12.25 -9.43 -22.25
N PHE B 142 10.95 -9.64 -22.40
CA PHE B 142 10.15 -8.81 -23.27
C PHE B 142 8.80 -8.51 -22.62
N VAL B 143 8.31 -7.30 -22.87
CA VAL B 143 7.03 -6.88 -22.33
C VAL B 143 6.21 -6.34 -23.51
N VAL B 144 5.10 -7.00 -23.80
CA VAL B 144 4.24 -6.59 -24.89
C VAL B 144 3.80 -5.16 -24.65
N GLY B 145 3.99 -4.32 -25.66
CA GLY B 145 3.62 -2.92 -25.52
C GLY B 145 4.80 -2.09 -25.05
N VAL B 146 5.95 -2.77 -24.88
CA VAL B 146 7.15 -2.08 -24.43
C VAL B 146 8.38 -2.34 -25.32
N ASN B 147 8.67 -3.60 -25.61
CA ASN B 147 9.84 -3.93 -26.43
C ASN B 147 9.71 -5.26 -27.17
N GLU B 148 8.49 -5.74 -27.40
CA GLU B 148 8.36 -7.02 -28.10
C GLU B 148 8.88 -6.85 -29.53
N ASP B 149 9.00 -5.60 -29.96
CA ASP B 149 9.50 -5.31 -31.30
C ASP B 149 11.01 -5.49 -31.40
N LYS B 150 11.67 -5.63 -30.25
CA LYS B 150 13.11 -5.84 -30.25
C LYS B 150 13.42 -7.32 -30.30
N TYR B 151 12.38 -8.15 -30.41
CA TYR B 151 12.59 -9.59 -30.49
C TYR B 151 13.32 -9.85 -31.80
N ASN B 152 14.51 -10.43 -31.69
CA ASN B 152 15.33 -10.67 -32.87
C ASN B 152 15.58 -12.15 -33.14
N GLY B 153 14.53 -12.96 -32.98
CA GLY B 153 14.64 -14.38 -33.25
C GLY B 153 15.28 -15.26 -32.21
N GLU B 154 15.50 -14.73 -31.01
CA GLU B 154 16.10 -15.54 -29.94
C GLU B 154 15.22 -16.76 -29.68
N LYS B 155 15.84 -17.87 -29.32
CA LYS B 155 15.13 -19.12 -29.07
C LYS B 155 14.52 -19.28 -27.67
N ILE B 156 15.10 -18.60 -26.69
CA ILE B 156 14.60 -18.67 -25.32
C ILE B 156 14.33 -17.26 -24.77
N VAL B 157 13.06 -16.94 -24.54
CA VAL B 157 12.69 -15.62 -24.03
C VAL B 157 11.90 -15.69 -22.72
N SER B 158 11.87 -14.55 -22.02
CA SER B 158 11.16 -14.42 -20.75
C SER B 158 10.11 -13.33 -20.93
N ASN B 159 9.03 -13.41 -20.16
CA ASN B 159 7.96 -12.42 -20.26
C ASN B 159 7.95 -11.50 -19.04
N ALA B 160 8.99 -11.57 -18.23
CA ALA B 160 9.11 -10.77 -17.02
C ALA B 160 8.03 -11.20 -16.01
N SER B 161 7.63 -10.28 -15.15
CA SER B 161 6.62 -10.56 -14.12
C SER B 161 5.37 -9.72 -14.33
N CYS B 162 4.30 -10.08 -13.62
CA CYS B 162 3.04 -9.34 -13.74
C CYS B 162 3.24 -7.90 -13.26
N THR B 163 4.06 -7.72 -12.25
CA THR B 163 4.32 -6.38 -11.72
C THR B 163 5.08 -5.56 -12.76
N THR B 164 6.15 -6.12 -13.31
CA THR B 164 6.93 -5.41 -14.31
C THR B 164 6.07 -5.09 -15.53
N ASN B 165 5.14 -5.98 -15.87
CA ASN B 165 4.25 -5.77 -17.02
C ASN B 165 3.24 -4.66 -16.75
N CYS B 166 3.03 -4.33 -15.49
CA CYS B 166 2.09 -3.27 -15.14
C CYS B 166 2.83 -1.93 -15.19
N LEU B 167 4.03 -1.93 -14.61
CA LEU B 167 4.87 -0.74 -14.57
C LEU B 167 5.51 -0.33 -15.91
N ALA B 168 6.21 -1.26 -16.56
CA ALA B 168 6.90 -0.96 -17.82
C ALA B 168 6.13 -0.17 -18.87
N PRO B 169 4.88 -0.57 -19.17
CA PRO B 169 4.17 0.21 -20.19
C PRO B 169 3.95 1.67 -19.80
N ILE B 170 3.71 1.91 -18.51
CA ILE B 170 3.50 3.26 -18.02
C ILE B 170 4.82 4.01 -18.08
N ALA B 171 5.90 3.35 -17.66
CA ALA B 171 7.21 3.96 -17.68
C ALA B 171 7.58 4.38 -19.11
N LYS B 172 7.23 3.54 -20.08
CA LYS B 172 7.49 3.80 -21.49
C LYS B 172 6.76 5.06 -21.96
N ILE B 173 5.45 5.10 -21.71
CA ILE B 173 4.63 6.23 -22.09
C ILE B 173 5.14 7.53 -21.50
N ILE B 174 5.46 7.51 -20.21
CA ILE B 174 5.95 8.72 -19.55
C ILE B 174 7.34 9.12 -20.03
N ASN B 175 8.23 8.14 -20.18
CA ASN B 175 9.58 8.45 -20.62
C ASN B 175 9.64 8.94 -22.06
N ASP B 176 8.76 8.40 -22.91
CA ASP B 176 8.74 8.81 -24.31
C ASP B 176 8.24 10.26 -24.44
N GLU B 177 7.25 10.63 -23.63
CA GLU B 177 6.67 11.97 -23.71
C GLU B 177 7.22 13.09 -22.84
N PHE B 178 7.72 12.76 -21.65
CA PHE B 178 8.25 13.79 -20.76
C PHE B 178 9.65 13.44 -20.31
N GLY B 179 9.98 12.15 -20.37
CA GLY B 179 11.28 11.71 -19.95
C GLY B 179 11.28 11.45 -18.46
N ILE B 180 11.95 10.38 -18.06
CA ILE B 180 12.02 10.03 -16.65
C ILE B 180 13.46 10.17 -16.19
N GLU B 181 13.71 11.09 -15.28
CA GLU B 181 15.05 11.28 -14.75
C GLU B 181 15.32 10.04 -13.92
N GLU B 182 14.35 9.70 -13.08
CA GLU B 182 14.43 8.52 -12.24
C GLU B 182 13.13 8.33 -11.47
N GLY B 183 12.83 7.09 -11.10
CA GLY B 183 11.60 6.82 -10.38
C GLY B 183 11.73 5.80 -9.27
N LEU B 184 10.84 5.92 -8.29
CA LEU B 184 10.82 5.03 -7.15
C LEU B 184 9.41 4.44 -7.09
N MET B 185 9.33 3.12 -7.11
CA MET B 185 8.03 2.45 -7.10
C MET B 185 7.76 1.67 -5.82
N THR B 186 6.47 1.52 -5.56
CA THR B 186 5.99 0.74 -4.44
C THR B 186 4.81 0.00 -5.03
N THR B 187 4.75 -1.30 -4.82
CA THR B 187 3.59 -2.03 -5.29
C THR B 187 2.91 -2.61 -4.06
N VAL B 188 1.60 -2.34 -3.93
CA VAL B 188 0.79 -2.86 -2.82
C VAL B 188 0.09 -4.03 -3.52
N HIS B 189 0.43 -5.24 -3.10
CA HIS B 189 -0.07 -6.44 -3.78
C HIS B 189 -0.46 -7.62 -2.89
N SER B 190 -1.06 -8.61 -3.55
CA SER B 190 -1.50 -9.84 -2.89
C SER B 190 -0.96 -11.00 -3.73
N ILE B 191 0.17 -10.79 -4.37
CA ILE B 191 0.77 -11.81 -5.22
C ILE B 191 1.21 -13.03 -4.44
N THR B 192 0.89 -14.20 -4.98
CA THR B 192 1.24 -15.47 -4.35
C THR B 192 2.73 -15.58 -4.04
N SER B 213 -2.50 -12.81 7.01
CA SER B 213 -3.83 -12.23 7.13
C SER B 213 -3.79 -11.14 8.21
N GLY B 214 -4.41 -10.00 7.91
CA GLY B 214 -4.42 -8.90 8.86
C GLY B 214 -3.11 -8.13 8.88
N ASN B 215 -2.17 -8.48 8.01
CA ASN B 215 -0.90 -7.78 8.01
C ASN B 215 -0.49 -7.06 6.73
N ILE B 216 0.31 -6.03 6.92
CA ILE B 216 0.90 -5.29 5.80
C ILE B 216 2.33 -5.78 5.96
N ILE B 217 2.88 -6.39 4.91
CA ILE B 217 4.25 -6.93 4.99
C ILE B 217 5.15 -6.41 3.88
N PRO B 218 6.19 -5.67 4.25
CA PRO B 218 7.13 -5.13 3.26
C PRO B 218 8.14 -6.18 2.83
N SER B 219 8.67 -6.02 1.62
CA SER B 219 9.70 -6.90 1.09
C SER B 219 10.34 -6.15 -0.06
N SER B 220 11.44 -6.67 -0.57
CA SER B 220 12.08 -6.02 -1.70
C SER B 220 11.43 -6.62 -2.95
N THR B 221 11.75 -6.06 -4.10
CA THR B 221 11.21 -6.55 -5.37
C THR B 221 12.16 -6.12 -6.47
N GLY B 222 12.31 -6.95 -7.49
CA GLY B 222 13.19 -6.61 -8.60
C GLY B 222 12.39 -6.10 -9.77
N ALA B 223 11.08 -6.08 -9.61
CA ALA B 223 10.17 -5.65 -10.67
C ALA B 223 10.44 -4.26 -11.24
N ALA B 224 10.85 -3.33 -10.37
CA ALA B 224 11.13 -1.97 -10.83
C ALA B 224 12.46 -1.92 -11.59
N LYS B 225 13.50 -2.54 -11.05
CA LYS B 225 14.80 -2.57 -11.70
C LYS B 225 14.68 -3.27 -13.07
N ALA B 226 13.86 -4.31 -13.12
CA ALA B 226 13.67 -5.08 -14.35
C ALA B 226 13.27 -4.22 -15.54
N VAL B 227 12.59 -3.11 -15.28
CA VAL B 227 12.18 -2.22 -16.34
C VAL B 227 13.41 -1.80 -17.14
N GLY B 228 14.53 -1.71 -16.44
CA GLY B 228 15.78 -1.32 -17.08
C GLY B 228 16.25 -2.37 -18.07
N LYS B 229 15.71 -3.57 -17.95
CA LYS B 229 16.06 -4.66 -18.85
C LYS B 229 15.27 -4.58 -20.14
N VAL B 230 14.01 -4.13 -20.05
CA VAL B 230 13.17 -4.03 -21.24
C VAL B 230 13.23 -2.64 -21.87
N LEU B 231 13.71 -1.66 -21.11
CA LEU B 231 13.86 -0.28 -21.56
C LEU B 231 15.27 0.14 -21.14
N PRO B 232 16.28 -0.25 -21.94
CA PRO B 232 17.70 0.04 -21.70
C PRO B 232 17.96 1.49 -21.30
N GLU B 233 17.23 2.41 -21.92
CA GLU B 233 17.42 3.82 -21.61
C GLU B 233 17.09 4.17 -20.15
N LEU B 234 16.41 3.27 -19.43
CA LEU B 234 16.08 3.54 -18.03
C LEU B 234 16.89 2.70 -17.08
N GLN B 235 17.85 1.96 -17.63
CA GLN B 235 18.73 1.12 -16.83
C GLN B 235 19.26 1.94 -15.65
N GLY B 236 19.16 1.38 -14.45
CA GLY B 236 19.63 2.06 -13.26
C GLY B 236 18.83 3.28 -12.83
N LYS B 237 17.71 3.55 -13.49
CA LYS B 237 16.91 4.72 -13.15
C LYS B 237 15.60 4.48 -12.42
N LEU B 238 15.31 3.22 -12.10
CA LEU B 238 14.09 2.86 -11.41
C LEU B 238 14.31 1.72 -10.46
N THR B 239 13.68 1.79 -9.30
CA THR B 239 13.72 0.71 -8.33
C THR B 239 12.58 0.95 -7.35
N GLY B 240 12.41 0.04 -6.41
CA GLY B 240 11.32 0.20 -5.46
C GLY B 240 11.24 -0.93 -4.48
N MET B 241 10.07 -1.07 -3.86
CA MET B 241 9.86 -2.12 -2.88
C MET B 241 8.41 -2.55 -2.88
N ALA B 242 8.03 -3.41 -1.94
CA ALA B 242 6.67 -3.91 -1.93
C ALA B 242 6.03 -4.06 -0.57
N PHE B 243 4.71 -4.02 -0.57
CA PHE B 243 3.90 -4.21 0.63
C PHE B 243 2.87 -5.26 0.28
N ARG B 244 2.94 -6.40 0.96
CA ARG B 244 1.96 -7.45 0.70
C ARG B 244 0.76 -7.23 1.63
N VAL B 245 -0.43 -7.29 1.06
CA VAL B 245 -1.68 -7.11 1.81
C VAL B 245 -2.64 -8.25 1.47
N PRO B 246 -3.53 -8.61 2.43
CA PRO B 246 -4.50 -9.69 2.21
C PRO B 246 -5.76 -9.28 1.48
N THR B 247 -5.65 -9.00 0.18
CA THR B 247 -6.82 -8.61 -0.59
C THR B 247 -7.04 -9.58 -1.73
N THR B 248 -8.05 -9.28 -2.57
CA THR B 248 -8.32 -10.14 -3.72
C THR B 248 -7.12 -10.10 -4.66
N ASP B 249 -7.15 -10.93 -5.71
CA ASP B 249 -6.04 -11.03 -6.65
C ASP B 249 -5.76 -9.87 -7.59
N VAL B 250 -5.86 -8.65 -7.09
CA VAL B 250 -5.55 -7.48 -7.90
C VAL B 250 -4.61 -6.62 -7.08
N SER B 251 -3.51 -6.22 -7.70
CA SER B 251 -2.51 -5.41 -7.04
C SER B 251 -2.40 -4.04 -7.72
N VAL B 252 -1.54 -3.18 -7.16
CA VAL B 252 -1.38 -1.83 -7.71
C VAL B 252 0.06 -1.35 -7.68
N VAL B 253 0.39 -0.49 -8.64
CA VAL B 253 1.72 0.09 -8.73
C VAL B 253 1.63 1.55 -8.35
N ASP B 254 2.55 1.97 -7.50
CA ASP B 254 2.62 3.35 -7.01
C ASP B 254 3.98 3.90 -7.47
N LEU B 255 3.99 4.64 -8.58
CA LEU B 255 5.25 5.17 -9.13
C LEU B 255 5.46 6.67 -8.90
N THR B 256 6.52 7.00 -8.17
CA THR B 256 6.85 8.39 -7.89
C THR B 256 8.06 8.74 -8.76
N VAL B 257 7.82 9.52 -9.81
CA VAL B 257 8.88 9.88 -10.73
C VAL B 257 9.28 11.34 -10.79
N LYS B 258 10.55 11.54 -11.13
CA LYS B 258 11.14 12.86 -11.33
C LYS B 258 11.19 12.98 -12.86
N LEU B 259 10.46 13.95 -13.41
CA LEU B 259 10.40 14.16 -14.84
C LEU B 259 11.57 14.98 -15.40
N VAL B 260 11.84 14.82 -16.70
CA VAL B 260 12.91 15.57 -17.36
C VAL B 260 12.30 16.90 -17.76
N LYS B 261 11.16 16.82 -18.45
CA LYS B 261 10.45 18.02 -18.89
C LYS B 261 9.23 18.28 -18.01
N ALA B 262 8.95 19.56 -17.76
CA ALA B 262 7.81 19.97 -16.95
C ALA B 262 6.54 19.49 -17.61
N ALA B 263 5.55 19.13 -16.80
CA ALA B 263 4.28 18.69 -17.32
C ALA B 263 3.16 18.92 -16.33
N THR B 264 1.95 19.05 -16.84
CA THR B 264 0.76 19.24 -16.01
C THR B 264 0.18 17.84 -15.89
N TYR B 265 -0.74 17.64 -14.95
CA TYR B 265 -1.33 16.33 -14.77
C TYR B 265 -2.23 15.98 -15.95
N ASP B 266 -2.81 17.01 -16.57
CA ASP B 266 -3.69 16.78 -17.71
C ASP B 266 -2.91 16.27 -18.91
N GLU B 267 -1.71 16.81 -19.12
CA GLU B 267 -0.86 16.39 -20.23
C GLU B 267 -0.46 14.94 -20.01
N ILE B 268 -0.17 14.59 -18.76
CA ILE B 268 0.22 13.23 -18.42
C ILE B 268 -0.95 12.28 -18.66
N LYS B 269 -2.14 12.67 -18.21
CA LYS B 269 -3.31 11.84 -18.41
C LYS B 269 -3.54 11.63 -19.92
N ALA B 270 -3.52 12.74 -20.67
CA ALA B 270 -3.72 12.68 -22.11
C ALA B 270 -2.73 11.74 -22.79
N ALA B 271 -1.48 11.76 -22.35
CA ALA B 271 -0.45 10.91 -22.94
C ALA B 271 -0.80 9.43 -22.75
N VAL B 272 -1.23 9.07 -21.55
CA VAL B 272 -1.59 7.69 -21.28
C VAL B 272 -2.87 7.32 -22.05
N LYS B 273 -3.91 8.13 -21.87
CA LYS B 273 -5.18 7.90 -22.54
C LYS B 273 -5.02 7.65 -24.04
N LYS B 274 -4.15 8.43 -24.69
CA LYS B 274 -3.93 8.27 -26.13
C LYS B 274 -3.51 6.85 -26.43
N VAL B 275 -2.46 6.40 -25.76
CA VAL B 275 -1.95 5.06 -25.95
C VAL B 275 -3.00 3.97 -25.64
N SER B 276 -3.90 4.25 -24.69
CA SER B 276 -4.92 3.27 -24.33
C SER B 276 -6.04 3.17 -25.37
N GLU B 277 -6.08 4.13 -26.28
CA GLU B 277 -7.11 4.12 -27.31
C GLU B 277 -6.55 3.63 -28.64
N GLY B 278 -5.23 3.55 -28.72
CA GLY B 278 -4.57 3.11 -29.95
C GLY B 278 -4.36 1.61 -30.07
N LYS B 279 -3.25 1.24 -30.68
CA LYS B 279 -2.91 -0.16 -30.88
C LYS B 279 -2.71 -0.96 -29.59
N LEU B 280 -2.21 -0.31 -28.55
CA LEU B 280 -1.98 -0.98 -27.27
C LEU B 280 -3.28 -0.99 -26.45
N LYS B 281 -4.38 -0.81 -27.16
CA LYS B 281 -5.74 -0.79 -26.65
C LYS B 281 -6.04 -1.84 -25.58
N ASP B 282 -5.62 -3.07 -25.83
CA ASP B 282 -5.87 -4.17 -24.89
C ASP B 282 -4.78 -4.40 -23.86
N VAL B 283 -3.68 -3.68 -23.98
CA VAL B 283 -2.56 -3.83 -23.05
C VAL B 283 -2.56 -2.75 -21.98
N VAL B 284 -2.73 -1.50 -22.41
CA VAL B 284 -2.73 -0.35 -21.52
C VAL B 284 -4.15 0.17 -21.25
N GLY B 285 -4.63 -0.02 -20.02
CA GLY B 285 -5.95 0.45 -19.65
C GLY B 285 -5.93 1.86 -19.06
N TYR B 286 -7.09 2.50 -19.05
CA TYR B 286 -7.20 3.86 -18.55
C TYR B 286 -8.57 4.14 -17.96
N THR B 287 -8.59 4.82 -16.82
CA THR B 287 -9.85 5.17 -16.17
C THR B 287 -9.71 6.47 -15.39
N GLU B 288 -10.85 7.10 -15.11
CA GLU B 288 -10.87 8.35 -14.35
C GLU B 288 -11.91 8.26 -13.25
N ASP B 289 -12.41 7.04 -13.01
CA ASP B 289 -13.41 6.81 -11.99
C ASP B 289 -12.77 6.49 -10.64
N ALA B 290 -13.60 6.46 -9.61
CA ALA B 290 -13.17 6.13 -8.26
C ALA B 290 -13.34 4.61 -8.19
N VAL B 291 -12.23 3.89 -8.17
CA VAL B 291 -12.29 2.44 -8.17
C VAL B 291 -11.80 1.76 -6.91
N VAL B 292 -12.05 0.45 -6.85
CA VAL B 292 -11.60 -0.41 -5.76
C VAL B 292 -10.85 -1.52 -6.49
N SER B 293 -9.79 -2.05 -5.90
CA SER B 293 -8.99 -3.07 -6.55
C SER B 293 -9.80 -4.19 -7.23
N SER B 294 -10.78 -4.74 -6.53
CA SER B 294 -11.59 -5.82 -7.07
C SER B 294 -12.28 -5.50 -8.39
N ASP B 295 -12.47 -4.22 -8.68
CA ASP B 295 -13.10 -3.85 -9.94
C ASP B 295 -12.36 -4.43 -11.13
N PHE B 296 -11.08 -4.73 -10.94
CA PHE B 296 -10.27 -5.24 -12.03
C PHE B 296 -9.99 -6.73 -12.03
N LEU B 297 -10.71 -7.47 -11.20
CA LEU B 297 -10.51 -8.92 -11.16
C LEU B 297 -10.76 -9.51 -12.54
N GLY B 298 -9.79 -10.25 -13.04
CA GLY B 298 -9.92 -10.87 -14.35
C GLY B 298 -9.66 -9.93 -15.51
N ASP B 299 -9.31 -8.67 -15.25
CA ASP B 299 -9.05 -7.72 -16.33
C ASP B 299 -7.82 -8.19 -17.11
N THR B 300 -7.88 -8.13 -18.44
CA THR B 300 -6.77 -8.59 -19.26
C THR B 300 -5.73 -7.56 -19.66
N HIS B 301 -5.92 -6.30 -19.29
CA HIS B 301 -4.90 -5.31 -19.62
C HIS B 301 -3.68 -5.59 -18.75
N SER B 302 -2.50 -5.14 -19.17
CA SER B 302 -1.30 -5.37 -18.40
C SER B 302 -1.24 -4.34 -17.28
N THR B 303 -1.83 -3.19 -17.52
CA THR B 303 -1.83 -2.11 -16.56
C THR B 303 -3.03 -1.22 -16.82
N ILE B 304 -3.68 -0.74 -15.76
CA ILE B 304 -4.82 0.15 -15.93
C ILE B 304 -4.48 1.44 -15.19
N PHE B 305 -4.16 2.48 -15.95
CA PHE B 305 -3.82 3.79 -15.38
C PHE B 305 -5.00 4.38 -14.62
N ASP B 306 -4.75 4.79 -13.39
CA ASP B 306 -5.78 5.38 -12.54
C ASP B 306 -5.51 6.88 -12.42
N ALA B 307 -6.23 7.65 -13.23
CA ALA B 307 -6.08 9.11 -13.25
C ALA B 307 -6.37 9.80 -11.91
N ALA B 308 -7.48 9.40 -11.27
CA ALA B 308 -7.89 10.01 -10.01
C ALA B 308 -6.98 9.67 -8.83
N ALA B 309 -6.48 8.45 -8.77
CA ALA B 309 -5.64 8.03 -7.66
C ALA B 309 -4.30 8.76 -7.60
N GLY B 310 -3.76 9.13 -8.75
CA GLY B 310 -2.48 9.80 -8.78
C GLY B 310 -2.51 11.24 -8.31
N ILE B 311 -1.35 11.82 -8.10
CA ILE B 311 -1.28 13.20 -7.65
C ILE B 311 0.08 13.80 -7.97
N GLN B 312 0.06 15.06 -8.40
CA GLN B 312 1.30 15.74 -8.76
C GLN B 312 1.57 16.87 -7.78
N LEU B 313 2.80 16.93 -7.30
CA LEU B 313 3.22 17.96 -6.36
C LEU B 313 3.77 19.16 -7.10
N SER B 314 4.61 18.90 -8.10
CA SER B 314 5.20 19.98 -8.90
C SER B 314 5.33 19.51 -10.36
N PRO B 315 5.56 20.46 -11.28
CA PRO B 315 5.71 20.15 -12.71
C PRO B 315 6.59 18.97 -13.08
N LYS B 316 7.61 18.68 -12.26
CA LYS B 316 8.52 17.57 -12.54
C LYS B 316 8.53 16.49 -11.46
N PHE B 317 7.51 16.47 -10.61
CA PHE B 317 7.46 15.48 -9.52
C PHE B 317 6.01 15.02 -9.35
N VAL B 318 5.75 13.80 -9.80
CA VAL B 318 4.39 13.28 -9.76
C VAL B 318 4.34 11.81 -9.32
N LYS B 319 3.23 11.45 -8.68
CA LYS B 319 2.98 10.08 -8.24
C LYS B 319 1.90 9.52 -9.15
N LEU B 320 2.18 8.40 -9.81
CA LEU B 320 1.20 7.81 -10.73
C LEU B 320 0.75 6.46 -10.20
N VAL B 321 -0.51 6.12 -10.47
CA VAL B 321 -1.08 4.87 -9.99
C VAL B 321 -1.61 3.99 -11.11
N ALA B 322 -1.34 2.69 -11.04
CA ALA B 322 -1.80 1.76 -12.07
C ALA B 322 -2.11 0.39 -11.47
N TRP B 323 -3.30 -0.11 -11.78
CA TRP B 323 -3.76 -1.40 -11.27
C TRP B 323 -3.44 -2.57 -12.18
N TYR B 324 -3.42 -3.77 -11.60
CA TYR B 324 -3.19 -4.98 -12.38
C TYR B 324 -3.64 -6.27 -11.71
N ASP B 325 -4.34 -7.09 -12.47
CA ASP B 325 -4.79 -8.37 -11.94
C ASP B 325 -3.49 -9.15 -11.81
N ASN B 326 -3.35 -9.91 -10.72
CA ASN B 326 -2.12 -10.66 -10.51
C ASN B 326 -1.78 -11.68 -11.59
N GLU B 327 -2.78 -12.08 -12.39
CA GLU B 327 -2.53 -13.10 -13.40
C GLU B 327 -3.19 -12.99 -14.76
N TYR B 328 -4.34 -12.34 -14.85
CA TYR B 328 -5.03 -12.28 -16.13
C TYR B 328 -4.37 -11.45 -17.23
N GLY B 329 -3.86 -10.28 -16.88
CA GLY B 329 -3.21 -9.46 -17.88
C GLY B 329 -1.93 -10.17 -18.29
N TYR B 330 -1.16 -10.59 -17.29
CA TYR B 330 0.10 -11.26 -17.52
C TYR B 330 -0.04 -12.53 -18.37
N SER B 331 -0.99 -13.38 -18.00
CA SER B 331 -1.20 -14.61 -18.73
C SER B 331 -1.62 -14.36 -20.18
N THR B 332 -2.42 -13.33 -20.41
CA THR B 332 -2.86 -13.01 -21.76
C THR B 332 -1.65 -12.55 -22.58
N ARG B 333 -0.69 -11.91 -21.92
CA ARG B 333 0.52 -11.44 -22.60
C ARG B 333 1.47 -12.58 -22.90
N VAL B 334 1.45 -13.62 -22.07
CA VAL B 334 2.33 -14.76 -22.30
C VAL B 334 1.92 -15.39 -23.64
N VAL B 335 0.61 -15.50 -23.85
CA VAL B 335 0.11 -16.08 -25.08
C VAL B 335 0.40 -15.12 -26.24
N ASP B 336 0.27 -13.81 -25.99
CA ASP B 336 0.55 -12.81 -27.01
C ASP B 336 2.01 -12.94 -27.44
N LEU B 337 2.90 -13.07 -26.46
CA LEU B 337 4.32 -13.21 -26.73
C LEU B 337 4.59 -14.50 -27.50
N VAL B 338 3.85 -15.55 -27.16
CA VAL B 338 4.02 -16.83 -27.83
C VAL B 338 3.74 -16.65 -29.33
N GLU B 339 2.61 -16.03 -29.64
CA GLU B 339 2.23 -15.81 -31.02
C GLU B 339 3.14 -14.83 -31.76
N HIS B 340 3.76 -13.91 -31.00
CA HIS B 340 4.66 -12.94 -31.60
C HIS B 340 6.00 -13.53 -31.97
N VAL B 341 6.48 -14.47 -31.15
CA VAL B 341 7.75 -15.12 -31.40
C VAL B 341 7.60 -16.26 -32.41
N ALA B 342 6.37 -16.75 -32.55
CA ALA B 342 6.06 -17.84 -33.46
C ALA B 342 6.74 -17.67 -34.82
C1 GLC C . -23.99 -2.76 35.77
C2 GLC C . -24.04 -1.82 34.56
C3 GLC C . -22.76 -2.00 33.73
C4 GLC C . -21.52 -1.71 34.62
C5 GLC C . -21.56 -2.70 35.82
C6 GLC C . -20.44 -2.61 36.81
O2 GLC C . -25.19 -2.16 33.80
O3 GLC C . -22.82 -1.11 32.59
O4 GLC C . -20.31 -1.90 33.86
O5 GLC C . -22.81 -2.47 36.56
O6 GLC C . -20.59 -1.52 37.69
C1 BME D . -8.65 9.16 6.90
C2 BME D . -7.20 8.82 6.58
O1 BME D . -9.57 8.41 6.56
S2 BME D . -6.37 9.96 5.44
C1 GLC E . -11.66 -36.36 -13.09
C2 GLC E . -12.67 -37.53 -13.28
C3 GLC E . -13.04 -37.64 -14.75
C4 GLC E . -13.66 -36.29 -15.22
C5 GLC E . -12.60 -35.17 -15.00
C6 GLC E . -13.01 -33.79 -15.39
O2 GLC E . -12.07 -38.72 -12.82
O3 GLC E . -13.98 -38.74 -14.92
O4 GLC E . -14.00 -36.34 -16.62
O5 GLC E . -12.24 -35.13 -13.57
O6 GLC E . -14.30 -33.46 -14.92
C1 BME F . 6.19 -10.97 -5.54
C2 BME F . 7.20 -9.85 -5.39
O1 BME F . 6.52 -12.15 -5.42
S2 BME F . 6.62 -8.24 -5.96
#